data_5ANT
#
_entry.id   5ANT
#
_cell.length_a   105.074
_cell.length_b   120.115
_cell.length_c   53.058
_cell.angle_alpha   90.00
_cell.angle_beta   90.00
_cell.angle_gamma   90.00
#
_symmetry.space_group_name_H-M   'P 21 21 2'
#
loop_
_entity.id
_entity.type
_entity.pdbx_description
1 polymer '7,8-DIHYDRO-8-OXOGUANINE TRIPHOSPHATASE'
2 non-polymer 2-(2-methoxyethoxy)-6-(methylamino)-9-(phenylmethyl)-7H-purin-8-one
3 water water
#
_entity_poly.entity_id   1
_entity_poly.type   'polypeptide(L)'
_entity_poly.pdbx_seq_one_letter_code
;GSSHHHHHHSSGLVPRGSHMGASRLYTLVLVLQPQRVLLGMKKRGFGAGRWNGFGGKVQEGETIEDGARRELQEESGLTV
DALHKVGQIVFEFVGEPELMDVHVFCTDSIQGTPVESDEMRPCWFQLDQIPFKDMWPDDSYWFPLLLQKKKFHGYFKFQG
QDTILDYTLREVDTV
;
_entity_poly.pdbx_strand_id   A,B,C
#
loop_
_chem_comp.id
_chem_comp.type
_chem_comp.name
_chem_comp.formula
RJE non-polymer 2-(2-methoxyethoxy)-6-(methylamino)-9-(phenylmethyl)-7H-purin-8-one 'C16 H19 N5 O3'
#
# COMPACT_ATOMS: atom_id res chain seq x y z
N GLY A 21 23.62 -9.85 -17.02
CA GLY A 21 23.67 -10.67 -18.27
C GLY A 21 23.76 -9.83 -19.54
N ALA A 22 23.31 -10.41 -20.67
CA ALA A 22 23.23 -9.69 -21.94
C ALA A 22 22.09 -8.67 -21.89
N SER A 23 22.31 -7.50 -22.47
CA SER A 23 21.32 -6.42 -22.47
C SER A 23 21.27 -5.63 -23.77
N ARG A 24 20.12 -5.03 -24.05
CA ARG A 24 19.93 -4.22 -25.24
C ARG A 24 19.62 -2.77 -24.82
N LEU A 25 20.09 -1.80 -25.61
CA LEU A 25 19.81 -0.39 -25.35
C LEU A 25 18.48 0.09 -25.96
N TYR A 26 17.70 0.78 -25.12
CA TYR A 26 16.45 1.41 -25.52
C TYR A 26 16.40 2.85 -25.02
N THR A 27 15.56 3.66 -25.65
CA THR A 27 15.27 5.00 -25.16
C THR A 27 13.77 5.11 -24.89
N LEU A 28 13.40 5.99 -23.96
CA LEU A 28 12.01 6.33 -23.67
C LEU A 28 11.92 7.85 -23.47
N VAL A 29 11.08 8.52 -24.26
CA VAL A 29 10.91 9.96 -24.23
C VAL A 29 9.54 10.36 -23.67
N LEU A 30 9.56 11.21 -22.65
CA LEU A 30 8.36 11.83 -22.11
C LEU A 30 8.36 13.31 -22.48
N VAL A 31 7.30 13.73 -23.16
CA VAL A 31 7.06 15.13 -23.44
C VAL A 31 6.29 15.70 -22.25
N LEU A 32 7.02 16.36 -21.37
CA LEU A 32 6.46 16.82 -20.11
C LEU A 32 6.58 18.34 -20.01
N GLN A 33 5.43 18.99 -19.90
CA GLN A 33 5.36 20.43 -19.82
C GLN A 33 4.83 20.84 -18.44
N PRO A 34 4.77 22.16 -18.16
CA PRO A 34 4.31 22.60 -16.84
C PRO A 34 2.95 22.06 -16.41
N GLN A 35 2.02 21.90 -17.34
CA GLN A 35 0.62 21.60 -16.99
C GLN A 35 0.14 20.23 -17.49
N ARG A 36 0.97 19.57 -18.30
CA ARG A 36 0.51 18.40 -19.06
C ARG A 36 1.68 17.50 -19.50
N VAL A 37 1.38 16.23 -19.69
CA VAL A 37 2.32 15.26 -20.23
C VAL A 37 1.66 14.52 -21.39
N LEU A 38 2.45 14.24 -22.42
CA LEU A 38 1.94 13.58 -23.61
C LEU A 38 2.22 12.09 -23.53
N LEU A 39 1.15 11.30 -23.70
CA LEU A 39 1.27 9.85 -23.78
C LEU A 39 0.56 9.36 -25.03
N GLY A 40 0.89 8.15 -25.46
CA GLY A 40 0.28 7.58 -26.67
C GLY A 40 -0.37 6.22 -26.43
N MET A 41 -1.66 6.10 -26.71
CA MET A 41 -2.35 4.81 -26.56
C MET A 41 -1.90 3.90 -27.69
N LYS A 42 -1.35 2.75 -27.35
CA LYS A 42 -0.90 1.82 -28.38
C LYS A 42 -2.08 0.97 -28.81
N LYS A 43 -2.37 0.99 -30.11
CA LYS A 43 -3.52 0.27 -30.69
C LYS A 43 -3.13 -1.15 -31.08
N ARG A 44 -1.83 -1.39 -31.16
CA ARG A 44 -1.26 -2.57 -31.76
C ARG A 44 0.15 -2.70 -31.20
N GLY A 45 0.68 -3.91 -31.13
CA GLY A 45 2.09 -4.14 -30.81
C GLY A 45 2.50 -3.94 -29.36
N PHE A 46 3.73 -3.51 -29.15
CA PHE A 46 4.30 -3.38 -27.81
C PHE A 46 3.48 -2.40 -26.96
N GLY A 47 3.05 -2.87 -25.80
CA GLY A 47 2.28 -2.04 -24.86
C GLY A 47 0.83 -1.74 -25.26
N ALA A 48 0.29 -2.52 -26.19
CA ALA A 48 -1.09 -2.32 -26.68
C ALA A 48 -2.10 -2.20 -25.54
N GLY A 49 -3.04 -1.27 -25.66
CA GLY A 49 -4.05 -1.05 -24.62
C GLY A 49 -3.58 -0.23 -23.43
N ARG A 50 -2.32 0.24 -23.45
CA ARG A 50 -1.75 1.12 -22.41
C ARG A 50 -1.28 2.46 -22.99
N TRP A 51 -1.26 3.48 -22.14
CA TRP A 51 -0.71 4.80 -22.46
C TRP A 51 0.80 4.71 -22.23
N ASN A 52 1.54 4.80 -23.34
CA ASN A 52 3.00 4.69 -23.36
C ASN A 52 3.63 6.04 -23.75
N GLY A 53 4.92 6.18 -23.46
CA GLY A 53 5.73 7.25 -24.03
C GLY A 53 6.22 6.82 -25.40
N PHE A 54 7.27 7.48 -25.89
CA PHE A 54 7.78 7.22 -27.24
C PHE A 54 9.22 6.75 -27.16
N GLY A 55 9.54 5.70 -27.91
CA GLY A 55 10.84 5.08 -27.76
C GLY A 55 11.01 3.82 -28.58
N GLY A 56 12.14 3.15 -28.35
CA GLY A 56 12.53 1.99 -29.12
C GLY A 56 14.02 1.73 -28.99
N LYS A 57 14.49 0.75 -29.75
CA LYS A 57 15.88 0.34 -29.78
C LYS A 57 16.81 1.43 -30.26
N VAL A 58 17.97 1.55 -29.62
CA VAL A 58 19.05 2.41 -30.12
C VAL A 58 19.78 1.63 -31.21
N GLN A 59 20.08 2.30 -32.33
CA GLN A 59 20.74 1.64 -33.45
C GLN A 59 22.27 1.82 -33.44
N GLU A 60 22.96 0.96 -34.17
CA GLU A 60 24.41 1.06 -34.37
C GLU A 60 24.75 2.30 -35.16
N GLY A 61 25.66 3.10 -34.63
CA GLY A 61 26.08 4.31 -35.35
C GLY A 61 25.35 5.58 -34.99
N GLU A 62 24.45 5.51 -34.01
CA GLU A 62 23.80 6.72 -33.50
C GLU A 62 23.99 6.77 -31.99
N THR A 63 24.05 7.96 -31.43
CA THR A 63 24.14 8.11 -29.98
C THR A 63 22.80 7.76 -29.33
N ILE A 64 22.80 7.55 -28.02
CA ILE A 64 21.53 7.26 -27.32
C ILE A 64 20.56 8.44 -27.49
N GLU A 65 21.06 9.67 -27.31
CA GLU A 65 20.24 10.87 -27.49
C GLU A 65 19.70 11.05 -28.92
N ASP A 66 20.52 10.77 -29.93
CA ASP A 66 20.06 10.77 -31.33
C ASP A 66 18.94 9.75 -31.55
N GLY A 67 19.06 8.59 -30.91
CA GLY A 67 18.04 7.53 -30.98
C GLY A 67 16.73 7.95 -30.35
N ALA A 68 16.80 8.68 -29.25
CA ALA A 68 15.61 9.18 -28.58
C ALA A 68 14.86 10.17 -29.47
N ARG A 69 15.59 11.12 -30.06
CA ARG A 69 15.03 12.04 -31.05
C ARG A 69 14.38 11.38 -32.26
N ARG A 70 15.06 10.37 -32.81
CA ARG A 70 14.60 9.62 -33.97
C ARG A 70 13.28 8.89 -33.64
N GLU A 71 13.25 8.18 -32.51
CA GLU A 71 12.05 7.43 -32.11
C GLU A 71 10.87 8.35 -31.80
N LEU A 72 11.13 9.48 -31.14
CA LEU A 72 10.08 10.48 -30.89
C LEU A 72 9.44 10.98 -32.20
N GLN A 73 10.28 11.27 -33.19
CA GLN A 73 9.79 11.73 -34.50
C GLN A 73 9.06 10.64 -35.28
N GLU A 74 9.64 9.44 -35.33
CA GLU A 74 9.04 8.33 -36.06
C GLU A 74 7.66 7.99 -35.47
N GLU A 75 7.57 7.98 -34.15
CA GLU A 75 6.37 7.53 -33.46
C GLU A 75 5.27 8.59 -33.34
N SER A 76 5.63 9.83 -33.02
CA SER A 76 4.64 10.85 -32.72
C SER A 76 4.59 11.99 -33.73
N GLY A 77 5.55 12.02 -34.65
CA GLY A 77 5.66 13.13 -35.59
C GLY A 77 6.32 14.38 -35.01
N LEU A 78 6.73 14.32 -33.74
CA LEU A 78 7.27 15.52 -33.09
C LEU A 78 8.76 15.68 -33.25
N THR A 79 9.18 16.92 -33.49
CA THR A 79 10.59 17.27 -33.43
C THR A 79 10.71 18.29 -32.31
N VAL A 80 11.88 18.35 -31.66
CA VAL A 80 12.05 19.19 -30.48
C VAL A 80 13.34 20.02 -30.57
N ASP A 81 13.40 21.16 -29.87
CA ASP A 81 14.64 21.96 -29.77
C ASP A 81 15.76 21.16 -29.09
N ALA A 82 15.43 20.54 -27.95
CA ALA A 82 16.39 19.82 -27.12
C ALA A 82 15.69 18.77 -26.25
N LEU A 83 16.45 17.80 -25.73
CA LEU A 83 15.98 16.80 -24.75
C LEU A 83 17.04 16.61 -23.68
N HIS A 84 16.64 16.19 -22.49
CA HIS A 84 17.59 15.87 -21.43
C HIS A 84 17.31 14.51 -20.83
N LYS A 85 18.37 13.79 -20.48
CA LYS A 85 18.25 12.47 -19.86
C LYS A 85 17.89 12.65 -18.39
N VAL A 86 16.81 12.00 -17.95
CA VAL A 86 16.40 12.15 -16.57
C VAL A 86 16.52 10.84 -15.81
N GLY A 87 16.70 9.74 -16.52
CA GLY A 87 16.86 8.49 -15.81
C GLY A 87 17.31 7.32 -16.63
N GLN A 88 17.56 6.23 -15.92
CA GLN A 88 17.88 4.98 -16.58
C GLN A 88 17.17 3.86 -15.83
N ILE A 89 16.49 2.99 -16.57
CA ILE A 89 15.79 1.87 -15.95
C ILE A 89 16.22 0.57 -16.64
N VAL A 90 16.63 -0.43 -15.87
CA VAL A 90 16.90 -1.75 -16.39
C VAL A 90 15.68 -2.67 -16.12
N PHE A 91 15.11 -3.24 -17.18
CA PHE A 91 13.99 -4.17 -17.04
C PHE A 91 14.49 -5.60 -17.22
N GLU A 92 14.10 -6.48 -16.30
CA GLU A 92 14.34 -7.91 -16.43
C GLU A 92 13.00 -8.63 -16.53
N PHE A 93 12.65 -9.08 -17.72
CA PHE A 93 11.45 -9.88 -17.88
C PHE A 93 11.84 -11.37 -17.75
N VAL A 94 11.34 -12.02 -16.70
CA VAL A 94 11.69 -13.41 -16.38
C VAL A 94 11.42 -14.32 -17.58
N GLY A 95 12.46 -15.01 -18.01
CA GLY A 95 12.34 -15.97 -19.11
C GLY A 95 12.75 -15.43 -20.46
N GLU A 96 13.01 -14.12 -20.54
CA GLU A 96 13.44 -13.49 -21.80
C GLU A 96 14.97 -13.50 -21.87
N PRO A 97 15.53 -13.54 -23.10
CA PRO A 97 16.96 -13.76 -23.29
C PRO A 97 17.87 -12.59 -22.92
N GLU A 98 17.33 -11.39 -22.89
CA GLU A 98 18.16 -10.21 -22.64
C GLU A 98 17.49 -9.18 -21.73
N LEU A 99 18.32 -8.44 -21.01
CA LEU A 99 17.87 -7.31 -20.18
C LEU A 99 17.59 -6.14 -21.10
N MET A 100 16.76 -5.22 -20.63
CA MET A 100 16.48 -4.03 -21.41
C MET A 100 16.97 -2.83 -20.64
N ASP A 101 17.95 -2.14 -21.22
CA ASP A 101 18.59 -1.00 -20.59
C ASP A 101 17.98 0.28 -21.20
N VAL A 102 17.06 0.90 -20.47
CA VAL A 102 16.28 2.00 -21.02
C VAL A 102 16.76 3.35 -20.48
N HIS A 103 17.11 4.24 -21.40
CA HIS A 103 17.53 5.59 -21.05
C HIS A 103 16.35 6.53 -21.24
N VAL A 104 15.96 7.21 -20.15
CA VAL A 104 14.73 8.00 -20.10
C VAL A 104 15.02 9.48 -20.35
N PHE A 105 14.40 10.03 -21.39
CA PHE A 105 14.55 11.45 -21.70
C PHE A 105 13.27 12.22 -21.44
N CYS A 106 13.45 13.51 -21.17
CA CYS A 106 12.36 14.43 -20.98
C CYS A 106 12.57 15.65 -21.85
N THR A 107 11.48 16.20 -22.35
CA THR A 107 11.54 17.46 -23.14
C THR A 107 10.20 18.20 -23.02
N ASP A 108 10.25 19.54 -22.98
CA ASP A 108 9.04 20.36 -23.15
C ASP A 108 8.94 21.04 -24.52
N SER A 109 10.07 21.06 -25.25
CA SER A 109 10.29 22.00 -26.36
C SER A 109 9.83 21.53 -27.75
N ILE A 110 8.56 21.16 -27.85
CA ILE A 110 8.00 20.64 -29.10
C ILE A 110 7.85 21.75 -30.14
N GLN A 111 7.92 21.38 -31.40
CA GLN A 111 7.90 22.33 -32.51
C GLN A 111 6.65 22.18 -33.37
N GLY A 112 5.72 21.33 -32.93
CA GLY A 112 4.50 21.12 -33.67
C GLY A 112 3.51 20.28 -32.87
N THR A 113 2.55 19.70 -33.59
CA THR A 113 1.49 18.92 -32.97
C THR A 113 1.75 17.39 -33.10
N PRO A 114 1.44 16.61 -32.04
CA PRO A 114 1.57 15.15 -32.19
C PRO A 114 0.57 14.65 -33.22
N VAL A 115 0.91 13.58 -33.93
CA VAL A 115 0.01 13.03 -34.94
C VAL A 115 -0.41 11.58 -34.67
N GLU A 116 -1.72 11.34 -34.76
CA GLU A 116 -2.26 9.99 -34.59
C GLU A 116 -1.83 9.12 -35.76
N SER A 117 -1.47 7.87 -35.49
CA SER A 117 -1.11 6.92 -36.53
C SER A 117 -1.95 5.64 -36.39
N ASP A 118 -1.66 4.67 -37.24
CA ASP A 118 -2.27 3.34 -37.17
C ASP A 118 -1.82 2.60 -35.92
N GLU A 119 -0.71 3.05 -35.34
CA GLU A 119 -0.13 2.40 -34.16
C GLU A 119 -0.51 3.06 -32.83
N MET A 120 -0.83 4.34 -32.87
CA MET A 120 -0.81 5.17 -31.66
C MET A 120 -1.76 6.36 -31.73
N ARG A 121 -2.49 6.62 -30.65
CA ARG A 121 -3.32 7.83 -30.52
C ARG A 121 -2.79 8.67 -29.37
N PRO A 122 -2.39 9.91 -29.67
CA PRO A 122 -1.78 10.77 -28.65
C PRO A 122 -2.82 11.44 -27.76
N CYS A 123 -2.47 11.65 -26.49
CA CYS A 123 -3.34 12.41 -25.60
C CYS A 123 -2.52 13.19 -24.59
N TRP A 124 -2.93 14.44 -24.35
CA TRP A 124 -2.32 15.26 -23.30
C TRP A 124 -3.08 15.05 -22.00
N PHE A 125 -2.36 14.67 -20.95
CA PHE A 125 -2.96 14.48 -19.64
C PHE A 125 -2.52 15.56 -18.69
N GLN A 126 -3.47 16.10 -17.93
CA GLN A 126 -3.17 17.00 -16.82
C GLN A 126 -2.42 16.19 -15.77
N LEU A 127 -1.49 16.84 -15.07
CA LEU A 127 -0.53 16.14 -14.22
C LEU A 127 -1.13 15.48 -12.98
N ASP A 128 -2.33 15.91 -12.59
CA ASP A 128 -3.11 15.26 -11.53
C ASP A 128 -4.10 14.23 -12.09
N GLN A 129 -4.02 13.96 -13.39
CA GLN A 129 -4.89 13.01 -14.05
C GLN A 129 -4.12 11.98 -14.87
N ILE A 130 -2.89 11.69 -14.45
CA ILE A 130 -2.09 10.68 -15.13
C ILE A 130 -2.66 9.29 -14.89
N PRO A 131 -2.98 8.55 -15.98
CA PRO A 131 -3.77 7.31 -15.93
C PRO A 131 -2.95 6.08 -15.56
N PHE A 132 -2.38 6.06 -14.36
CA PHE A 132 -1.52 4.95 -13.94
C PHE A 132 -2.12 3.54 -14.09
N LYS A 133 -3.42 3.40 -13.91
CA LYS A 133 -4.05 2.06 -14.00
C LYS A 133 -4.02 1.54 -15.42
N ASP A 134 -3.89 2.48 -16.38
CA ASP A 134 -3.88 2.18 -17.80
C ASP A 134 -2.48 2.35 -18.42
N MET A 135 -1.44 2.26 -17.60
CA MET A 135 -0.03 2.37 -18.00
C MET A 135 0.70 1.16 -17.47
N TRP A 136 1.95 0.96 -17.90
CA TRP A 136 2.79 -0.11 -17.33
C TRP A 136 2.91 0.06 -15.81
N PRO A 137 2.84 -1.06 -15.04
CA PRO A 137 2.78 -0.91 -13.58
C PRO A 137 3.99 -0.23 -12.91
N ASP A 138 5.15 -0.26 -13.53
CA ASP A 138 6.33 0.38 -12.94
C ASP A 138 6.26 1.90 -12.93
N ASP A 139 5.44 2.48 -13.82
CA ASP A 139 5.35 3.93 -14.00
C ASP A 139 4.96 4.69 -12.75
N SER A 140 4.10 4.06 -11.94
CA SER A 140 3.68 4.57 -10.62
C SER A 140 4.83 4.88 -9.69
N TYR A 141 5.92 4.14 -9.84
CA TYR A 141 7.07 4.28 -8.95
C TYR A 141 7.97 5.47 -9.35
N TRP A 142 8.34 5.54 -10.62
CA TRP A 142 9.32 6.54 -11.07
C TRP A 142 8.73 7.85 -11.62
N PHE A 143 7.45 7.86 -11.98
CA PHE A 143 6.81 9.13 -12.40
C PHE A 143 6.91 10.27 -11.39
N PRO A 144 6.65 10.02 -10.08
CA PRO A 144 6.80 11.12 -9.10
C PRO A 144 8.17 11.78 -9.13
N LEU A 145 9.21 11.01 -9.45
CA LEU A 145 10.55 11.55 -9.62
C LEU A 145 10.69 12.34 -10.94
N LEU A 146 10.18 11.77 -12.04
CA LEU A 146 10.17 12.48 -13.32
C LEU A 146 9.46 13.84 -13.19
N LEU A 147 8.31 13.85 -12.50
CA LEU A 147 7.49 15.06 -12.37
C LEU A 147 8.17 16.14 -11.53
N GLN A 148 9.05 15.73 -10.63
CA GLN A 148 9.84 16.65 -9.80
C GLN A 148 11.17 16.96 -10.47
N LYS A 149 11.40 16.38 -11.65
CA LYS A 149 12.69 16.47 -12.36
C LYS A 149 13.86 16.04 -11.49
N LYS A 150 13.66 14.96 -10.73
CA LYS A 150 14.69 14.33 -9.93
C LYS A 150 15.22 13.13 -10.70
N LYS A 151 16.52 13.13 -11.00
CA LYS A 151 17.16 12.06 -11.77
C LYS A 151 17.11 10.74 -10.98
N PHE A 152 17.03 9.61 -11.69
CA PHE A 152 16.82 8.33 -11.02
C PHE A 152 17.47 7.17 -11.76
N HIS A 153 17.83 6.13 -11.01
CA HIS A 153 18.19 4.85 -11.59
C HIS A 153 17.16 3.86 -11.03
N GLY A 154 16.57 3.05 -11.89
CA GLY A 154 15.62 2.03 -11.45
C GLY A 154 15.93 0.67 -12.04
N TYR A 155 15.34 -0.37 -11.45
CA TYR A 155 15.45 -1.73 -11.95
C TYR A 155 14.11 -2.40 -11.63
N PHE A 156 13.54 -3.12 -12.59
CA PHE A 156 12.24 -3.78 -12.38
C PHE A 156 12.30 -5.20 -12.89
N LYS A 157 12.08 -6.18 -12.01
CA LYS A 157 11.95 -7.59 -12.45
C LYS A 157 10.48 -7.91 -12.66
N PHE A 158 10.11 -8.23 -13.90
CA PHE A 158 8.73 -8.52 -14.30
C PHE A 158 8.52 -10.01 -14.59
N GLN A 159 7.35 -10.50 -14.23
CA GLN A 159 6.84 -11.79 -14.69
C GLN A 159 5.72 -11.43 -15.64
N GLY A 160 5.93 -11.62 -16.95
CA GLY A 160 4.95 -11.16 -17.93
C GLY A 160 4.86 -9.63 -17.91
N GLN A 161 3.72 -9.07 -18.31
CA GLN A 161 3.57 -7.63 -18.46
C GLN A 161 2.81 -6.93 -17.33
N ASP A 162 2.34 -7.72 -16.36
CA ASP A 162 1.49 -7.19 -15.28
C ASP A 162 2.09 -7.25 -13.89
N THR A 163 3.13 -8.06 -13.70
CA THR A 163 3.56 -8.43 -12.35
C THR A 163 4.99 -7.99 -12.05
N ILE A 164 5.16 -7.19 -10.99
CA ILE A 164 6.49 -6.80 -10.54
C ILE A 164 6.93 -7.70 -9.39
N LEU A 165 7.94 -8.53 -9.65
CA LEU A 165 8.46 -9.44 -8.64
C LEU A 165 9.47 -8.79 -7.68
N ASP A 166 10.15 -7.75 -8.18
CA ASP A 166 11.21 -7.07 -7.42
C ASP A 166 11.52 -5.76 -8.12
N TYR A 167 12.08 -4.81 -7.39
CA TYR A 167 12.48 -3.54 -8.01
C TYR A 167 13.41 -2.78 -7.11
N THR A 168 14.16 -1.85 -7.70
CA THR A 168 14.87 -0.81 -6.95
C THR A 168 14.68 0.52 -7.68
N LEU A 169 14.66 1.61 -6.91
CA LEU A 169 14.55 2.95 -7.48
C LEU A 169 15.21 3.89 -6.51
N ARG A 170 16.20 4.63 -7.00
CA ARG A 170 16.87 5.61 -6.17
C ARG A 170 17.06 6.93 -6.92
N GLU A 171 16.97 8.02 -6.19
CA GLU A 171 17.32 9.33 -6.73
C GLU A 171 18.84 9.41 -6.84
N VAL A 172 19.32 9.91 -7.97
CA VAL A 172 20.76 10.05 -8.19
C VAL A 172 21.07 11.51 -8.57
N ASP A 173 22.31 11.94 -8.39
CA ASP A 173 22.71 13.27 -8.83
C ASP A 173 23.14 13.25 -10.30
N THR A 174 23.60 12.09 -10.76
CA THR A 174 24.08 11.88 -12.14
C THR A 174 23.52 10.58 -12.73
N VAL A 175 22.91 10.66 -13.91
CA VAL A 175 22.36 9.44 -14.55
C VAL A 175 23.48 8.60 -15.17
N GLY B 21 9.14 -23.79 30.46
CA GLY B 21 8.40 -25.09 30.37
C GLY B 21 8.50 -25.72 28.99
N ALA B 22 7.48 -26.49 28.62
CA ALA B 22 7.40 -27.11 27.30
C ALA B 22 7.12 -26.06 26.21
N SER B 23 8.01 -25.96 25.22
CA SER B 23 7.84 -24.97 24.14
C SER B 23 7.37 -25.62 22.84
N ARG B 24 6.67 -24.83 22.04
CA ARG B 24 6.06 -25.29 20.81
C ARG B 24 6.66 -24.55 19.62
N LEU B 25 6.86 -25.26 18.51
CA LEU B 25 7.58 -24.73 17.35
C LEU B 25 6.70 -23.89 16.44
N TYR B 26 7.20 -22.70 16.08
CA TYR B 26 6.53 -21.80 15.15
C TYR B 26 7.50 -21.28 14.10
N THR B 27 6.95 -20.87 12.97
CA THR B 27 7.73 -20.17 11.95
C THR B 27 7.21 -18.75 11.72
N LEU B 28 8.11 -17.88 11.29
CA LEU B 28 7.75 -16.52 10.90
C LEU B 28 8.57 -16.16 9.67
N VAL B 29 7.91 -15.79 8.59
CA VAL B 29 8.59 -15.53 7.31
C VAL B 29 8.41 -14.07 6.89
N LEU B 30 9.53 -13.41 6.65
CA LEU B 30 9.55 -12.06 6.09
C LEU B 30 10.03 -12.11 4.65
N VAL B 31 9.26 -11.51 3.74
CA VAL B 31 9.72 -11.34 2.37
C VAL B 31 10.39 -9.97 2.34
N LEU B 32 11.72 -9.97 2.28
CA LEU B 32 12.52 -8.75 2.39
C LEU B 32 13.38 -8.57 1.16
N GLN B 33 13.12 -7.51 0.42
CA GLN B 33 13.91 -7.23 -0.78
C GLN B 33 14.69 -5.93 -0.58
N PRO B 34 15.61 -5.61 -1.51
CA PRO B 34 16.43 -4.41 -1.29
C PRO B 34 15.64 -3.12 -1.06
N GLN B 35 14.47 -2.99 -1.66
CA GLN B 35 13.68 -1.76 -1.60
C GLN B 35 12.48 -1.83 -0.65
N ARG B 36 12.04 -3.04 -0.30
CA ARG B 36 10.76 -3.19 0.36
C ARG B 36 10.62 -4.48 1.20
N VAL B 37 9.70 -4.45 2.16
CA VAL B 37 9.33 -5.65 2.94
C VAL B 37 7.81 -5.89 2.84
N LEU B 38 7.41 -7.16 2.76
CA LEU B 38 5.99 -7.50 2.69
C LEU B 38 5.42 -7.84 4.06
N LEU B 39 4.33 -7.19 4.44
CA LEU B 39 3.62 -7.55 5.67
C LEU B 39 2.15 -7.76 5.36
N GLY B 40 1.42 -8.39 6.27
CA GLY B 40 0.02 -8.65 6.03
C GLY B 40 -0.78 -8.18 7.22
N MET B 41 -1.78 -7.34 6.97
CA MET B 41 -2.67 -6.87 8.03
C MET B 41 -3.65 -7.98 8.37
N LYS B 42 -3.64 -8.44 9.62
CA LYS B 42 -4.56 -9.48 10.06
C LYS B 42 -5.93 -8.90 10.33
N LYS B 43 -6.93 -9.49 9.69
CA LYS B 43 -8.31 -9.04 9.81
C LYS B 43 -9.05 -9.79 10.93
N ARG B 44 -8.40 -10.81 11.49
CA ARG B 44 -9.07 -11.82 12.32
C ARG B 44 -7.99 -12.63 13.02
N GLY B 45 -8.29 -13.15 14.20
CA GLY B 45 -7.36 -14.07 14.87
C GLY B 45 -6.17 -13.38 15.52
N PHE B 46 -5.08 -14.13 15.69
CA PHE B 46 -3.90 -13.64 16.42
C PHE B 46 -3.19 -12.54 15.64
N GLY B 47 -2.93 -11.42 16.32
CA GLY B 47 -2.29 -10.26 15.72
C GLY B 47 -3.22 -9.38 14.90
N ALA B 48 -4.53 -9.61 15.03
CA ALA B 48 -5.54 -8.79 14.37
C ALA B 48 -5.30 -7.30 14.64
N GLY B 49 -5.38 -6.48 13.60
CA GLY B 49 -5.13 -5.07 13.75
C GLY B 49 -3.67 -4.69 13.61
N ARG B 50 -2.81 -5.67 13.35
CA ARG B 50 -1.38 -5.40 13.20
C ARG B 50 -0.83 -5.93 11.88
N TRP B 51 0.23 -5.27 11.38
CA TRP B 51 0.98 -5.75 10.22
C TRP B 51 1.90 -6.86 10.69
N ASN B 52 1.61 -8.08 10.24
CA ASN B 52 2.37 -9.27 10.64
C ASN B 52 3.15 -9.84 9.44
N GLY B 53 4.11 -10.71 9.73
CA GLY B 53 4.69 -11.59 8.73
C GLY B 53 3.79 -12.79 8.51
N PHE B 54 4.32 -13.86 7.92
CA PHE B 54 3.52 -15.04 7.63
C PHE B 54 4.09 -16.26 8.35
N GLY B 55 3.24 -17.05 8.98
CA GLY B 55 3.72 -18.16 9.79
C GLY B 55 2.64 -18.85 10.58
N GLY B 56 3.07 -19.73 11.48
CA GLY B 56 2.13 -20.55 12.24
C GLY B 56 2.85 -21.73 12.83
N LYS B 57 2.09 -22.69 13.34
CA LYS B 57 2.65 -23.86 14.02
C LYS B 57 3.35 -24.79 13.03
N VAL B 58 4.50 -25.30 13.43
CA VAL B 58 5.16 -26.38 12.69
C VAL B 58 4.36 -27.66 12.93
N GLN B 59 4.03 -28.39 11.86
CA GLN B 59 3.24 -29.61 11.98
C GLN B 59 4.10 -30.87 12.12
N GLU B 60 3.53 -31.92 12.70
CA GLU B 60 4.20 -33.23 12.75
C GLU B 60 4.46 -33.74 11.33
N GLY B 61 5.67 -34.20 11.07
CA GLY B 61 6.00 -34.78 9.76
C GLY B 61 6.58 -33.82 8.73
N GLU B 62 6.74 -32.56 9.09
CA GLU B 62 7.41 -31.58 8.23
C GLU B 62 8.57 -30.95 8.99
N THR B 63 9.64 -30.55 8.30
CA THR B 63 10.73 -29.82 8.95
C THR B 63 10.32 -28.38 9.28
N ILE B 64 11.12 -27.67 10.07
CA ILE B 64 10.85 -26.27 10.38
C ILE B 64 10.80 -25.43 9.09
N GLU B 65 11.77 -25.60 8.18
CA GLU B 65 11.81 -24.85 6.92
C GLU B 65 10.65 -25.15 5.99
N ASP B 66 10.24 -26.42 5.91
CA ASP B 66 9.09 -26.78 5.09
C ASP B 66 7.80 -26.22 5.70
N GLY B 67 7.73 -26.18 7.04
CA GLY B 67 6.63 -25.49 7.71
C GLY B 67 6.57 -24.02 7.32
N ALA B 68 7.74 -23.37 7.26
CA ALA B 68 7.85 -21.96 6.87
C ALA B 68 7.30 -21.72 5.47
N ARG B 69 7.74 -22.56 4.53
CA ARG B 69 7.29 -22.48 3.13
C ARG B 69 5.80 -22.68 3.01
N ARG B 70 5.29 -23.69 3.73
CA ARG B 70 3.87 -24.02 3.70
C ARG B 70 3.01 -22.86 4.21
N GLU B 71 3.39 -22.29 5.34
CA GLU B 71 2.64 -21.16 5.93
C GLU B 71 2.66 -19.93 5.02
N LEU B 72 3.83 -19.61 4.45
CA LEU B 72 3.91 -18.49 3.53
C LEU B 72 2.93 -18.69 2.37
N GLN B 73 2.97 -19.88 1.76
CA GLN B 73 2.06 -20.24 0.68
C GLN B 73 0.59 -20.19 1.07
N GLU B 74 0.23 -20.82 2.20
CA GLU B 74 -1.16 -20.87 2.67
C GLU B 74 -1.72 -19.49 2.98
N GLU B 75 -0.91 -18.62 3.58
CA GLU B 75 -1.40 -17.29 4.01
C GLU B 75 -1.32 -16.19 2.93
N SER B 76 -0.26 -16.18 2.12
CA SER B 76 -0.04 -15.09 1.14
C SER B 76 -0.20 -15.52 -0.31
N GLY B 77 -0.24 -16.82 -0.57
CA GLY B 77 -0.35 -17.31 -1.94
C GLY B 77 0.98 -17.45 -2.63
N LEU B 78 2.06 -17.13 -1.92
CA LEU B 78 3.42 -17.11 -2.46
C LEU B 78 4.24 -18.36 -2.22
N THR B 79 4.84 -18.85 -3.28
CA THR B 79 5.92 -19.83 -3.20
C THR B 79 7.21 -19.06 -3.51
N VAL B 80 8.31 -19.57 -2.96
CA VAL B 80 9.59 -18.88 -3.08
C VAL B 80 10.72 -19.81 -3.54
N ASP B 81 11.77 -19.25 -4.13
CA ASP B 81 12.95 -20.03 -4.55
C ASP B 81 13.72 -20.63 -3.38
N ALA B 82 13.99 -19.80 -2.37
CA ALA B 82 14.83 -20.17 -1.23
C ALA B 82 14.46 -19.35 0.01
N LEU B 83 14.53 -20.00 1.17
CA LEU B 83 14.36 -19.38 2.49
C LEU B 83 15.62 -19.60 3.32
N HIS B 84 16.03 -18.61 4.11
CA HIS B 84 17.14 -18.80 5.05
C HIS B 84 16.81 -18.33 6.45
N LYS B 85 17.21 -19.12 7.44
CA LYS B 85 16.97 -18.76 8.83
C LYS B 85 17.87 -17.60 9.23
N VAL B 86 17.23 -16.55 9.77
CA VAL B 86 17.93 -15.33 10.19
C VAL B 86 17.88 -15.13 11.69
N GLY B 87 16.93 -15.79 12.35
CA GLY B 87 16.78 -15.62 13.78
C GLY B 87 15.92 -16.64 14.47
N GLN B 88 15.96 -16.60 15.79
CA GLN B 88 15.09 -17.39 16.63
C GLN B 88 14.69 -16.55 17.84
N ILE B 89 13.38 -16.48 18.07
CA ILE B 89 12.83 -15.70 19.18
C ILE B 89 11.91 -16.59 19.99
N VAL B 90 12.12 -16.60 21.30
CA VAL B 90 11.22 -17.31 22.20
C VAL B 90 10.28 -16.30 22.84
N PHE B 91 8.98 -16.54 22.73
CA PHE B 91 7.96 -15.70 23.36
C PHE B 91 7.36 -16.41 24.57
N GLU B 92 7.29 -15.69 25.69
CA GLU B 92 6.57 -16.15 26.86
C GLU B 92 5.46 -15.17 27.18
N PHE B 93 4.22 -15.61 27.00
CA PHE B 93 3.06 -14.82 27.36
C PHE B 93 2.61 -15.27 28.74
N VAL B 94 2.57 -14.33 29.69
CA VAL B 94 2.24 -14.65 31.09
C VAL B 94 0.90 -15.39 31.18
N GLY B 95 0.89 -16.45 31.99
CA GLY B 95 -0.33 -17.23 32.22
C GLY B 95 -0.67 -18.21 31.11
N GLU B 96 0.11 -18.18 30.02
CA GLU B 96 -0.16 -19.05 28.87
C GLU B 96 0.66 -20.33 28.98
N PRO B 97 0.01 -21.48 28.68
CA PRO B 97 0.53 -22.82 29.01
C PRO B 97 1.95 -23.12 28.49
N GLU B 98 2.22 -22.76 27.24
CA GLU B 98 3.50 -23.12 26.61
C GLU B 98 4.25 -21.94 26.02
N LEU B 99 5.58 -22.04 26.03
CA LEU B 99 6.44 -21.08 25.35
C LEU B 99 6.32 -21.22 23.82
N MET B 100 6.65 -20.15 23.10
CA MET B 100 6.56 -20.17 21.65
C MET B 100 7.94 -20.00 21.06
N ASP B 101 8.46 -21.07 20.46
CA ASP B 101 9.79 -21.10 19.91
C ASP B 101 9.70 -20.76 18.42
N VAL B 102 10.04 -19.52 18.08
CA VAL B 102 9.78 -18.99 16.73
C VAL B 102 11.04 -18.93 15.90
N HIS B 103 11.00 -19.63 14.78
CA HIS B 103 12.12 -19.65 13.88
C HIS B 103 11.84 -18.69 12.73
N VAL B 104 12.70 -17.69 12.62
CA VAL B 104 12.43 -16.56 11.73
C VAL B 104 13.22 -16.75 10.44
N PHE B 105 12.51 -16.66 9.31
CA PHE B 105 13.10 -16.89 7.99
C PHE B 105 12.95 -15.63 7.13
N CYS B 106 13.86 -15.48 6.19
CA CYS B 106 13.84 -14.37 5.24
C CYS B 106 14.00 -14.96 3.83
N THR B 107 13.36 -14.32 2.87
CA THR B 107 13.52 -14.61 1.45
C THR B 107 13.43 -13.32 0.64
N ASP B 108 14.26 -13.19 -0.39
CA ASP B 108 14.23 -12.01 -1.25
C ASP B 108 13.71 -12.31 -2.66
N SER B 109 13.25 -13.54 -2.89
CA SER B 109 12.88 -13.94 -4.25
C SER B 109 11.53 -14.64 -4.30
N ILE B 110 10.55 -13.96 -4.88
CA ILE B 110 9.21 -14.48 -5.02
C ILE B 110 8.92 -14.71 -6.49
N GLN B 111 7.95 -15.57 -6.75
CA GLN B 111 7.61 -16.01 -8.11
C GLN B 111 6.21 -15.53 -8.51
N GLY B 112 5.56 -14.77 -7.64
CA GLY B 112 4.22 -14.27 -7.93
C GLY B 112 3.86 -13.07 -7.05
N THR B 113 2.58 -12.71 -7.04
CA THR B 113 2.09 -11.56 -6.26
C THR B 113 1.34 -12.07 -5.05
N PRO B 114 1.50 -11.41 -3.88
CA PRO B 114 0.71 -11.85 -2.72
C PRO B 114 -0.79 -11.61 -2.91
N VAL B 115 -1.63 -12.44 -2.29
CA VAL B 115 -3.07 -12.35 -2.49
C VAL B 115 -3.82 -12.04 -1.18
N GLU B 116 -4.75 -11.10 -1.26
CA GLU B 116 -5.65 -10.81 -0.15
C GLU B 116 -6.60 -11.98 0.10
N SER B 117 -6.86 -12.26 1.38
CA SER B 117 -7.83 -13.27 1.77
C SER B 117 -8.75 -12.64 2.82
N ASP B 118 -9.72 -13.41 3.30
CA ASP B 118 -10.59 -12.97 4.40
C ASP B 118 -9.82 -12.86 5.71
N GLU B 119 -8.59 -13.36 5.72
CA GLU B 119 -7.76 -13.38 6.92
C GLU B 119 -6.74 -12.25 6.98
N MET B 120 -6.36 -11.72 5.81
CA MET B 120 -5.10 -10.99 5.66
C MET B 120 -5.13 -10.08 4.42
N ARG B 121 -4.70 -8.83 4.58
CA ARG B 121 -4.50 -7.90 3.45
C ARG B 121 -3.00 -7.55 3.35
N PRO B 122 -2.36 -7.88 2.20
CA PRO B 122 -0.92 -7.69 2.09
C PRO B 122 -0.54 -6.26 1.73
N CYS B 123 0.66 -5.83 2.10
CA CYS B 123 1.18 -4.50 1.71
C CYS B 123 2.70 -4.46 1.72
N TRP B 124 3.28 -3.84 0.70
CA TRP B 124 4.73 -3.65 0.64
C TRP B 124 5.07 -2.30 1.28
N PHE B 125 6.04 -2.30 2.20
CA PHE B 125 6.47 -1.08 2.86
C PHE B 125 7.93 -0.79 2.50
N GLN B 126 8.22 0.46 2.15
CA GLN B 126 9.58 0.93 1.99
C GLN B 126 10.31 0.73 3.32
N LEU B 127 11.60 0.42 3.23
CA LEU B 127 12.38 0.05 4.40
C LEU B 127 12.53 1.20 5.41
N ASP B 128 12.27 2.43 4.96
CA ASP B 128 12.37 3.60 5.83
C ASP B 128 10.98 4.04 6.26
N GLN B 129 9.99 3.21 5.93
CA GLN B 129 8.59 3.45 6.26
C GLN B 129 7.91 2.23 6.89
N ILE B 130 8.67 1.40 7.59
CA ILE B 130 8.13 0.24 8.31
C ILE B 130 7.25 0.73 9.47
N PRO B 131 5.96 0.29 9.50
CA PRO B 131 5.00 0.89 10.44
C PRO B 131 5.06 0.27 11.84
N PHE B 132 6.19 0.46 12.53
CA PHE B 132 6.43 -0.19 13.82
C PHE B 132 5.35 0.02 14.87
N LYS B 133 4.73 1.19 14.87
CA LYS B 133 3.65 1.49 15.82
C LYS B 133 2.43 0.62 15.58
N ASP B 134 2.34 0.04 14.38
CA ASP B 134 1.19 -0.76 13.95
C ASP B 134 1.56 -2.25 13.83
N MET B 135 2.60 -2.63 14.56
CA MET B 135 3.16 -3.97 14.56
C MET B 135 3.26 -4.44 16.02
N TRP B 136 3.65 -5.69 16.21
CA TRP B 136 3.95 -6.18 17.56
C TRP B 136 5.09 -5.37 18.16
N PRO B 137 4.98 -4.95 19.44
CA PRO B 137 6.01 -4.09 20.07
C PRO B 137 7.45 -4.61 20.05
N ASP B 138 7.62 -5.93 19.97
CA ASP B 138 8.97 -6.49 19.88
C ASP B 138 9.67 -6.26 18.53
N ASP B 139 8.90 -6.03 17.46
CA ASP B 139 9.51 -5.90 16.11
C ASP B 139 10.55 -4.79 16.04
N SER B 140 10.28 -3.68 16.74
CA SER B 140 11.19 -2.54 16.91
C SER B 140 12.60 -2.95 17.33
N TYR B 141 12.69 -3.98 18.16
CA TYR B 141 13.97 -4.44 18.70
C TYR B 141 14.81 -5.24 17.71
N TRP B 142 14.20 -6.18 17.02
CA TRP B 142 14.98 -7.07 16.14
C TRP B 142 14.96 -6.77 14.63
N PHE B 143 14.02 -5.95 14.16
CA PHE B 143 14.05 -5.56 12.75
C PHE B 143 15.38 -4.94 12.31
N PRO B 144 15.97 -4.01 13.10
CA PRO B 144 17.25 -3.42 12.70
C PRO B 144 18.34 -4.45 12.41
N LEU B 145 18.31 -5.58 13.11
CA LEU B 145 19.24 -6.69 12.91
C LEU B 145 18.88 -7.45 11.63
N LEU B 146 17.61 -7.83 11.51
CA LEU B 146 17.10 -8.44 10.27
C LEU B 146 17.48 -7.62 9.03
N LEU B 147 17.28 -6.30 9.12
CA LEU B 147 17.57 -5.40 8.00
C LEU B 147 19.04 -5.32 7.62
N GLN B 148 19.93 -5.69 8.54
CA GLN B 148 21.36 -5.77 8.24
C GLN B 148 21.76 -7.21 7.90
N LYS B 149 20.77 -8.10 7.81
CA LYS B 149 21.01 -9.53 7.66
C LYS B 149 21.95 -10.07 8.75
N LYS B 150 21.80 -9.51 9.96
CA LYS B 150 22.56 -9.93 11.14
C LYS B 150 21.74 -10.91 11.96
N LYS B 151 22.26 -12.13 12.10
CA LYS B 151 21.54 -13.22 12.78
C LYS B 151 21.38 -12.94 14.28
N PHE B 152 20.23 -13.30 14.84
CA PHE B 152 19.89 -12.96 16.22
C PHE B 152 19.21 -14.08 17.00
N HIS B 153 19.43 -14.11 18.31
CA HIS B 153 18.62 -14.89 19.24
C HIS B 153 17.88 -13.92 20.14
N GLY B 154 16.57 -14.13 20.29
CA GLY B 154 15.73 -13.21 21.06
C GLY B 154 14.85 -13.92 22.07
N TYR B 155 14.43 -13.20 23.09
CA TYR B 155 13.43 -13.66 24.05
C TYR B 155 12.58 -12.48 24.49
N PHE B 156 11.25 -12.64 24.48
CA PHE B 156 10.34 -11.58 24.89
C PHE B 156 9.26 -12.15 25.79
N LYS B 157 9.14 -11.56 26.98
CA LYS B 157 8.07 -11.88 27.91
C LYS B 157 6.99 -10.82 27.81
N PHE B 158 5.79 -11.25 27.41
CA PHE B 158 4.65 -10.36 27.22
C PHE B 158 3.61 -10.54 28.33
N GLN B 159 3.11 -9.42 28.84
CA GLN B 159 1.86 -9.40 29.62
C GLN B 159 0.74 -8.92 28.70
N GLY B 160 -0.07 -9.84 28.21
CA GLY B 160 -1.05 -9.51 27.18
C GLY B 160 -0.34 -9.21 25.86
N GLN B 161 -1.06 -8.59 24.94
CA GLN B 161 -0.51 -8.36 23.60
C GLN B 161 0.27 -7.04 23.44
N ASP B 162 0.26 -6.21 24.49
CA ASP B 162 0.80 -4.85 24.41
C ASP B 162 2.07 -4.59 25.22
N THR B 163 2.27 -5.37 26.28
CA THR B 163 3.29 -5.04 27.27
C THR B 163 4.44 -6.04 27.26
N ILE B 164 5.64 -5.53 27.06
CA ILE B 164 6.84 -6.34 27.21
C ILE B 164 7.37 -6.13 28.64
N LEU B 165 7.39 -7.21 29.41
CA LEU B 165 7.89 -7.17 30.79
C LEU B 165 9.40 -7.25 30.86
N ASP B 166 9.98 -8.08 29.99
CA ASP B 166 11.42 -8.31 29.97
C ASP B 166 11.77 -8.86 28.59
N TYR B 167 13.01 -8.63 28.15
CA TYR B 167 13.50 -9.17 26.89
C TYR B 167 15.01 -9.33 26.89
N THR B 168 15.51 -10.25 26.06
CA THR B 168 16.93 -10.26 25.71
C THR B 168 17.06 -10.37 24.18
N LEU B 169 18.13 -9.81 23.63
CA LEU B 169 18.36 -9.87 22.20
C LEU B 169 19.84 -9.78 21.93
N ARG B 170 20.39 -10.79 21.28
CA ARG B 170 21.80 -10.81 20.94
C ARG B 170 22.03 -11.21 19.49
N GLU B 171 23.00 -10.56 18.86
CA GLU B 171 23.50 -10.99 17.57
C GLU B 171 24.29 -12.29 17.74
N VAL B 172 24.05 -13.24 16.84
CA VAL B 172 24.76 -14.52 16.84
C VAL B 172 25.43 -14.79 15.48
N ASP B 173 26.43 -15.68 15.48
CA ASP B 173 27.15 -16.05 14.27
C ASP B 173 26.42 -17.14 13.49
N THR B 174 25.84 -18.10 14.22
CA THR B 174 24.95 -19.10 13.64
C THR B 174 23.70 -19.22 14.51
N VAL B 175 22.52 -19.26 13.88
CA VAL B 175 21.26 -19.42 14.60
C VAL B 175 21.12 -20.86 15.11
N SER C 23 -33.93 -0.24 8.97
CA SER C 23 -32.71 0.58 8.90
C SER C 23 -32.43 1.29 10.23
N ARG C 24 -31.40 0.84 10.95
CA ARG C 24 -31.04 1.43 12.24
C ARG C 24 -30.14 2.64 12.08
N LEU C 25 -30.26 3.58 13.01
CA LEU C 25 -29.44 4.79 12.99
C LEU C 25 -28.02 4.50 13.47
N TYR C 26 -27.05 5.17 12.85
CA TYR C 26 -25.64 5.05 13.20
C TYR C 26 -25.00 6.42 13.19
N THR C 27 -23.90 6.56 13.92
CA THR C 27 -23.06 7.75 13.87
C THR C 27 -21.67 7.38 13.38
N LEU C 28 -20.99 8.34 12.77
CA LEU C 28 -19.60 8.16 12.40
C LEU C 28 -18.92 9.50 12.59
N VAL C 29 -17.85 9.52 13.38
CA VAL C 29 -17.19 10.79 13.69
C VAL C 29 -15.74 10.87 13.24
N LEU C 30 -15.44 11.92 12.50
CA LEU C 30 -14.10 12.18 12.01
C LEU C 30 -13.55 13.45 12.64
N VAL C 31 -12.39 13.34 13.27
CA VAL C 31 -11.71 14.49 13.85
C VAL C 31 -10.77 15.02 12.78
N LEU C 32 -11.14 16.15 12.18
CA LEU C 32 -10.37 16.73 11.11
C LEU C 32 -9.77 18.06 11.57
N GLN C 33 -8.45 18.12 11.58
CA GLN C 33 -7.73 19.34 11.93
C GLN C 33 -7.08 19.90 10.64
N PRO C 34 -6.38 21.06 10.72
CA PRO C 34 -5.85 21.67 9.49
C PRO C 34 -4.97 20.78 8.60
N GLN C 35 -4.08 19.99 9.19
CA GLN C 35 -3.09 19.23 8.42
C GLN C 35 -3.20 17.72 8.64
N ARG C 36 -4.20 17.27 9.39
CA ARG C 36 -4.27 15.86 9.77
C ARG C 36 -5.69 15.40 10.09
N VAL C 37 -5.93 14.10 9.94
CA VAL C 37 -7.19 13.47 10.36
C VAL C 37 -6.90 12.28 11.29
N LEU C 38 -7.78 12.07 12.26
CA LEU C 38 -7.62 10.97 13.22
C LEU C 38 -8.45 9.77 12.82
N LEU C 39 -7.79 8.64 12.67
CA LEU C 39 -8.50 7.38 12.43
C LEU C 39 -8.11 6.38 13.51
N GLY C 40 -8.85 5.29 13.60
CA GLY C 40 -8.51 4.22 14.54
C GLY C 40 -8.54 2.88 13.85
N MET C 41 -7.50 2.09 14.07
CA MET C 41 -7.44 0.74 13.55
C MET C 41 -8.32 -0.15 14.42
N LYS C 42 -9.32 -0.77 13.79
CA LYS C 42 -10.22 -1.70 14.46
C LYS C 42 -9.50 -3.04 14.69
N LYS C 43 -9.37 -3.42 15.96
CA LYS C 43 -8.65 -4.63 16.34
C LYS C 43 -9.52 -5.89 16.40
N ARG C 44 -10.84 -5.72 16.47
CA ARG C 44 -11.75 -6.85 16.49
C ARG C 44 -13.11 -6.40 16.02
N GLY C 45 -13.96 -7.35 15.65
CA GLY C 45 -15.31 -7.02 15.23
C GLY C 45 -15.47 -6.79 13.73
N PHE C 46 -16.39 -5.88 13.40
CA PHE C 46 -16.82 -5.59 12.02
C PHE C 46 -15.96 -4.48 11.45
N GLY C 47 -15.13 -4.83 10.46
CA GLY C 47 -14.21 -3.85 9.89
C GLY C 47 -12.87 -3.85 10.62
N ALA C 48 -12.59 -4.96 11.31
CA ALA C 48 -11.27 -5.22 11.89
C ALA C 48 -10.21 -5.22 10.79
N GLY C 49 -9.05 -4.62 11.05
CA GLY C 49 -7.98 -4.57 10.08
C GLY C 49 -8.10 -3.37 9.14
N ARG C 50 -9.09 -2.52 9.39
CA ARG C 50 -9.24 -1.26 8.67
C ARG C 50 -9.13 -0.01 9.57
N TRP C 51 -8.60 1.06 9.01
CA TRP C 51 -8.60 2.36 9.66
C TRP C 51 -9.99 2.95 9.56
N ASN C 52 -10.64 3.13 10.71
CA ASN C 52 -12.03 3.62 10.82
C ASN C 52 -12.12 4.97 11.51
N GLY C 53 -13.26 5.63 11.33
CA GLY C 53 -13.64 6.74 12.19
C GLY C 53 -14.24 6.17 13.47
N PHE C 54 -14.81 7.02 14.31
CA PHE C 54 -15.40 6.56 15.56
C PHE C 54 -16.92 6.69 15.53
N GLY C 55 -17.62 5.64 15.95
CA GLY C 55 -19.08 5.69 16.01
C GLY C 55 -19.74 4.36 16.35
N GLY C 56 -21.06 4.32 16.21
CA GLY C 56 -21.86 3.12 16.46
C GLY C 56 -23.35 3.39 16.39
N LYS C 57 -24.15 2.43 16.87
CA LYS C 57 -25.61 2.54 16.90
C LYS C 57 -26.11 3.68 17.79
N VAL C 58 -27.05 4.47 17.28
CA VAL C 58 -27.76 5.46 18.11
C VAL C 58 -28.76 4.72 18.99
N GLN C 59 -28.76 5.03 20.28
CA GLN C 59 -29.62 4.37 21.26
C GLN C 59 -30.87 5.19 21.58
N GLU C 60 -31.89 4.50 22.10
CA GLU C 60 -33.18 5.11 22.42
C GLU C 60 -33.06 6.26 23.42
N GLY C 61 -33.65 7.41 23.07
CA GLY C 61 -33.73 8.55 23.99
C GLY C 61 -32.92 9.78 23.61
N GLU C 62 -31.80 9.57 22.93
CA GLU C 62 -30.84 10.64 22.63
C GLU C 62 -30.91 11.16 21.19
N THR C 63 -30.64 12.45 21.01
CA THR C 63 -30.55 13.04 19.67
C THR C 63 -29.30 12.52 18.95
N ILE C 64 -29.33 12.53 17.62
CA ILE C 64 -28.25 11.96 16.80
C ILE C 64 -26.88 12.54 17.19
N GLU C 65 -26.79 13.87 17.28
CA GLU C 65 -25.57 14.58 17.67
C GLU C 65 -25.00 14.14 19.03
N ASP C 66 -25.90 13.80 19.96
CA ASP C 66 -25.51 13.29 21.29
C ASP C 66 -24.93 11.87 21.21
N GLY C 67 -25.43 11.08 20.26
CA GLY C 67 -24.93 9.73 20.02
C GLY C 67 -23.54 9.72 19.42
N ALA C 68 -23.25 10.76 18.65
CA ALA C 68 -21.93 10.98 18.06
C ALA C 68 -20.90 11.40 19.10
N ARG C 69 -21.30 12.33 19.98
CA ARG C 69 -20.48 12.76 21.13
C ARG C 69 -20.16 11.59 22.04
N ARG C 70 -21.19 10.77 22.28
CA ARG C 70 -21.10 9.59 23.12
C ARG C 70 -20.07 8.58 22.60
N GLU C 71 -20.23 8.14 21.35
CA GLU C 71 -19.38 7.11 20.76
C GLU C 71 -17.94 7.56 20.55
N LEU C 72 -17.75 8.84 20.20
CA LEU C 72 -16.40 9.40 20.08
C LEU C 72 -15.67 9.40 21.41
N GLN C 73 -16.31 9.90 22.47
CA GLN C 73 -15.72 9.92 23.81
C GLN C 73 -15.44 8.51 24.31
N GLU C 74 -16.43 7.63 24.17
CA GLU C 74 -16.33 6.26 24.65
C GLU C 74 -15.21 5.48 23.96
N GLU C 75 -15.08 5.67 22.64
CA GLU C 75 -14.09 4.92 21.84
C GLU C 75 -12.66 5.49 21.84
N SER C 76 -12.54 6.82 21.79
CA SER C 76 -11.21 7.45 21.71
C SER C 76 -10.68 8.00 23.05
N GLY C 77 -11.59 8.40 23.93
CA GLY C 77 -11.21 9.05 25.19
C GLY C 77 -11.22 10.57 25.08
N LEU C 78 -11.46 11.06 23.86
CA LEU C 78 -11.51 12.49 23.60
C LEU C 78 -12.85 13.09 24.01
N THR C 79 -12.91 14.41 24.14
CA THR C 79 -14.17 15.10 24.37
C THR C 79 -14.37 16.14 23.27
N VAL C 80 -15.60 16.26 22.78
CA VAL C 80 -15.90 17.20 21.70
C VAL C 80 -16.65 18.44 22.14
N ASP C 81 -16.21 19.57 21.62
CA ASP C 81 -16.90 20.83 21.74
C ASP C 81 -17.85 20.94 20.53
N ALA C 82 -17.48 21.71 19.51
CA ALA C 82 -18.31 21.86 18.30
C ALA C 82 -18.27 20.63 17.36
N LEU C 83 -19.44 20.00 17.20
CA LEU C 83 -19.67 18.96 16.20
C LEU C 83 -20.50 19.50 15.04
N HIS C 84 -20.01 19.33 13.81
CA HIS C 84 -20.69 19.79 12.61
C HIS C 84 -21.08 18.58 11.76
N LYS C 85 -22.39 18.40 11.54
CA LYS C 85 -22.90 17.25 10.75
C LYS C 85 -22.64 17.43 9.26
N VAL C 86 -21.98 16.43 8.66
CA VAL C 86 -21.50 16.56 7.28
C VAL C 86 -22.08 15.60 6.23
N GLY C 87 -22.85 14.60 6.67
CA GLY C 87 -23.46 13.69 5.69
C GLY C 87 -24.23 12.51 6.24
N GLN C 88 -24.94 11.83 5.34
CA GLN C 88 -25.65 10.58 5.67
C GLN C 88 -25.37 9.57 4.57
N ILE C 89 -25.12 8.33 4.96
CA ILE C 89 -24.81 7.25 4.02
C ILE C 89 -25.54 5.98 4.47
N VAL C 90 -26.20 5.32 3.53
CA VAL C 90 -26.88 4.05 3.79
C VAL C 90 -26.12 2.89 3.15
N PHE C 91 -25.85 1.85 3.95
CA PHE C 91 -25.14 0.68 3.49
C PHE C 91 -26.04 -0.54 3.39
N GLU C 92 -26.24 -1.03 2.18
CA GLU C 92 -26.90 -2.31 1.98
C GLU C 92 -25.87 -3.38 1.68
N PHE C 93 -25.78 -4.37 2.57
CA PHE C 93 -24.97 -5.53 2.33
C PHE C 93 -25.89 -6.63 1.84
N VAL C 94 -25.56 -7.22 0.70
CA VAL C 94 -26.43 -8.20 0.04
C VAL C 94 -26.71 -9.41 0.95
N GLY C 95 -27.98 -9.56 1.33
CA GLY C 95 -28.42 -10.64 2.21
C GLY C 95 -28.63 -10.26 3.66
N GLU C 96 -28.50 -8.97 3.98
CA GLU C 96 -28.67 -8.48 5.35
C GLU C 96 -30.06 -7.87 5.55
N PRO C 97 -30.72 -8.23 6.67
CA PRO C 97 -32.09 -7.79 6.99
C PRO C 97 -32.28 -6.27 6.98
N GLU C 98 -31.50 -5.56 7.81
CA GLU C 98 -31.62 -4.10 7.86
C GLU C 98 -30.45 -3.35 7.20
N LEU C 99 -30.75 -2.14 6.76
CA LEU C 99 -29.82 -1.33 6.00
C LEU C 99 -29.20 -0.25 6.88
N MET C 100 -27.92 -0.43 7.21
CA MET C 100 -27.21 0.46 8.13
C MET C 100 -27.26 1.92 7.70
N ASP C 101 -28.13 2.68 8.37
CA ASP C 101 -28.25 4.12 8.13
C ASP C 101 -27.21 4.83 9.00
N VAL C 102 -26.33 5.60 8.36
CA VAL C 102 -25.16 6.19 9.02
C VAL C 102 -25.17 7.71 8.90
N HIS C 103 -25.12 8.39 10.04
CA HIS C 103 -25.01 9.84 10.07
C HIS C 103 -23.57 10.22 10.35
N VAL C 104 -22.99 11.02 9.46
CA VAL C 104 -21.57 11.29 9.50
C VAL C 104 -21.32 12.68 10.08
N PHE C 105 -20.52 12.72 11.14
CA PHE C 105 -20.22 13.96 11.82
C PHE C 105 -18.75 14.29 11.70
N CYS C 106 -18.45 15.58 11.68
CA CYS C 106 -17.08 16.05 11.67
C CYS C 106 -16.84 16.98 12.86
N THR C 107 -15.61 17.00 13.34
CA THR C 107 -15.20 17.95 14.38
C THR C 107 -13.77 18.38 14.21
N ASP C 108 -13.53 19.67 14.38
CA ASP C 108 -12.19 20.21 14.44
C ASP C 108 -11.87 20.66 15.86
N SER C 109 -12.78 20.37 16.79
CA SER C 109 -12.74 20.94 18.14
C SER C 109 -12.83 19.86 19.22
N ILE C 110 -11.69 19.21 19.48
CA ILE C 110 -11.57 18.18 20.51
C ILE C 110 -10.61 18.60 21.62
N GLN C 111 -10.78 17.98 22.80
CA GLN C 111 -9.86 18.13 23.89
C GLN C 111 -9.41 16.74 24.35
N GLY C 112 -8.15 16.61 24.73
CA GLY C 112 -7.62 15.34 25.22
C GLY C 112 -6.63 14.74 24.23
N THR C 113 -6.03 13.61 24.62
CA THR C 113 -5.16 12.83 23.75
C THR C 113 -5.88 11.53 23.46
N PRO C 114 -5.90 11.09 22.18
CA PRO C 114 -6.56 9.82 21.87
C PRO C 114 -5.82 8.66 22.56
N VAL C 115 -6.57 7.68 23.04
CA VAL C 115 -5.97 6.55 23.77
C VAL C 115 -6.34 5.22 23.11
N GLU C 116 -5.33 4.37 23.00
CA GLU C 116 -5.49 3.02 22.47
C GLU C 116 -6.30 2.17 23.45
N SER C 117 -7.29 1.46 22.92
CA SER C 117 -8.02 0.47 23.70
C SER C 117 -7.85 -0.94 23.10
N ASP C 118 -8.51 -1.92 23.70
CA ASP C 118 -8.54 -3.29 23.15
C ASP C 118 -9.27 -3.34 21.80
N GLU C 119 -10.11 -2.34 21.55
CA GLU C 119 -10.97 -2.24 20.37
C GLU C 119 -10.31 -1.47 19.21
N MET C 120 -9.46 -0.50 19.54
CA MET C 120 -9.03 0.51 18.59
C MET C 120 -7.65 1.09 18.92
N ARG C 121 -6.81 1.28 17.91
CA ARG C 121 -5.54 1.98 18.07
C ARG C 121 -5.58 3.24 17.20
N PRO C 122 -5.51 4.43 17.83
CA PRO C 122 -5.66 5.70 17.11
C PRO C 122 -4.39 6.09 16.38
N CYS C 123 -4.54 6.77 15.24
CA CYS C 123 -3.38 7.32 14.53
C CYS C 123 -3.77 8.59 13.78
N TRP C 124 -2.87 9.57 13.77
CA TRP C 124 -3.06 10.80 13.00
C TRP C 124 -2.44 10.63 11.63
N PHE C 125 -3.22 10.92 10.58
CA PHE C 125 -2.68 10.85 9.23
C PHE C 125 -2.68 12.23 8.57
N GLN C 126 -1.55 12.62 7.98
CA GLN C 126 -1.50 13.83 7.14
C GLN C 126 -2.54 13.65 6.05
N LEU C 127 -3.18 14.76 5.66
CA LEU C 127 -4.25 14.71 4.66
C LEU C 127 -3.76 14.26 3.28
N ASP C 128 -2.45 14.29 3.05
CA ASP C 128 -1.86 13.77 1.80
C ASP C 128 -1.38 12.33 1.94
N GLN C 129 -1.61 11.74 3.11
CA GLN C 129 -1.18 10.38 3.40
C GLN C 129 -2.31 9.51 3.96
N ILE C 130 -3.56 9.82 3.60
CA ILE C 130 -4.73 9.05 4.06
C ILE C 130 -4.69 7.64 3.46
N PRO C 131 -4.70 6.59 4.31
CA PRO C 131 -4.45 5.23 3.82
C PRO C 131 -5.69 4.53 3.25
N PHE C 132 -6.21 5.03 2.13
CA PHE C 132 -7.45 4.50 1.53
C PHE C 132 -7.43 2.97 1.25
N LYS C 133 -6.27 2.44 0.90
CA LYS C 133 -6.15 1.00 0.62
C LYS C 133 -6.41 0.18 1.89
N ASP C 134 -6.28 0.83 3.05
CA ASP C 134 -6.46 0.18 4.36
C ASP C 134 -7.74 0.66 5.09
N MET C 135 -8.69 1.19 4.32
CA MET C 135 -9.94 1.70 4.81
C MET C 135 -11.09 0.99 4.08
N TRP C 136 -12.31 1.14 4.57
CA TRP C 136 -13.49 0.68 3.81
C TRP C 136 -13.49 1.31 2.40
N PRO C 137 -13.86 0.53 1.36
CA PRO C 137 -13.76 0.98 -0.05
C PRO C 137 -14.58 2.22 -0.38
N ASP C 138 -15.66 2.44 0.35
CA ASP C 138 -16.51 3.60 0.08
C ASP C 138 -15.85 4.94 0.43
N ASP C 139 -14.89 4.91 1.35
CA ASP C 139 -14.28 6.14 1.87
C ASP C 139 -13.58 6.96 0.80
N SER C 140 -12.96 6.27 -0.16
CA SER C 140 -12.32 6.90 -1.32
C SER C 140 -13.28 7.84 -2.04
N TYR C 141 -14.57 7.51 -2.02
CA TYR C 141 -15.57 8.28 -2.74
C TYR C 141 -16.02 9.55 -2.01
N TRP C 142 -16.39 9.41 -0.74
CA TRP C 142 -16.95 10.53 0.04
C TRP C 142 -15.95 11.35 0.87
N PHE C 143 -14.78 10.78 1.17
CA PHE C 143 -13.74 11.53 1.87
C PHE C 143 -13.35 12.86 1.21
N PRO C 144 -13.22 12.88 -0.14
CA PRO C 144 -13.04 14.15 -0.85
C PRO C 144 -14.08 15.22 -0.51
N LEU C 145 -15.34 14.83 -0.30
CA LEU C 145 -16.36 15.76 0.14
C LEU C 145 -16.17 16.13 1.62
N LEU C 146 -16.05 15.12 2.48
CA LEU C 146 -15.76 15.31 3.90
C LEU C 146 -14.64 16.33 4.12
N LEU C 147 -13.53 16.17 3.39
CA LEU C 147 -12.35 17.03 3.54
C LEU C 147 -12.59 18.48 3.15
N GLN C 148 -13.70 18.75 2.46
CA GLN C 148 -14.01 20.11 2.02
C GLN C 148 -15.24 20.72 2.73
N LYS C 149 -15.68 20.07 3.81
CA LYS C 149 -16.90 20.45 4.58
C LYS C 149 -18.17 20.53 3.71
N LYS C 150 -18.17 19.81 2.59
CA LYS C 150 -19.32 19.75 1.71
C LYS C 150 -20.23 18.63 2.18
N LYS C 151 -21.47 18.98 2.49
CA LYS C 151 -22.43 17.97 2.95
C LYS C 151 -22.75 17.00 1.81
N PHE C 152 -23.23 15.80 2.16
CA PHE C 152 -23.48 14.77 1.16
C PHE C 152 -24.49 13.72 1.61
N HIS C 153 -25.21 13.17 0.64
CA HIS C 153 -26.02 11.99 0.86
C HIS C 153 -25.39 10.85 0.04
N GLY C 154 -25.43 9.64 0.59
CA GLY C 154 -24.77 8.51 -0.03
C GLY C 154 -25.49 7.22 0.16
N TYR C 155 -25.34 6.33 -0.82
CA TYR C 155 -25.81 4.95 -0.74
C TYR C 155 -24.71 4.10 -1.33
N PHE C 156 -24.40 3.00 -0.66
CA PHE C 156 -23.48 2.01 -1.17
C PHE C 156 -24.10 0.64 -1.03
N LYS C 157 -24.12 -0.11 -2.12
CA LYS C 157 -24.56 -1.51 -2.11
C LYS C 157 -23.32 -2.41 -2.14
N PHE C 158 -23.17 -3.21 -1.08
CA PHE C 158 -21.99 -4.01 -0.87
C PHE C 158 -22.29 -5.47 -1.08
N GLN C 159 -21.39 -6.18 -1.74
CA GLN C 159 -21.37 -7.64 -1.78
C GLN C 159 -20.26 -8.07 -0.82
N GLY C 160 -20.64 -8.43 0.41
CA GLY C 160 -19.65 -8.70 1.46
C GLY C 160 -18.98 -7.41 1.92
N GLN C 161 -17.72 -7.50 2.33
CA GLN C 161 -17.02 -6.30 2.86
C GLN C 161 -16.05 -5.60 1.90
N ASP C 162 -15.75 -6.22 0.76
CA ASP C 162 -14.77 -5.68 -0.20
C ASP C 162 -15.35 -5.06 -1.47
N THR C 163 -16.56 -5.48 -1.85
CA THR C 163 -17.09 -5.20 -3.18
C THR C 163 -18.28 -4.25 -3.17
N ILE C 164 -18.10 -3.11 -3.84
CA ILE C 164 -19.19 -2.17 -4.06
C ILE C 164 -19.85 -2.48 -5.41
N LEU C 165 -21.08 -3.01 -5.35
CA LEU C 165 -21.84 -3.34 -6.56
C LEU C 165 -22.36 -2.11 -7.28
N ASP C 166 -22.74 -1.12 -6.49
CA ASP C 166 -23.46 0.04 -6.97
C ASP C 166 -23.39 1.09 -5.88
N TYR C 167 -23.52 2.36 -6.26
CA TYR C 167 -23.50 3.45 -5.29
C TYR C 167 -24.11 4.74 -5.86
N THR C 168 -24.58 5.60 -4.96
CA THR C 168 -24.92 6.99 -5.31
C THR C 168 -24.27 7.93 -4.28
N LEU C 169 -23.81 9.09 -4.75
CA LEU C 169 -23.24 10.10 -3.87
C LEU C 169 -23.57 11.50 -4.37
N ARG C 170 -24.49 12.17 -3.68
CA ARG C 170 -24.93 13.52 -4.02
C ARG C 170 -24.48 14.54 -2.98
N GLU C 171 -23.86 15.62 -3.44
CA GLU C 171 -23.55 16.76 -2.61
C GLU C 171 -24.81 17.59 -2.34
N VAL C 172 -25.29 17.57 -1.10
CA VAL C 172 -26.52 18.28 -0.70
C VAL C 172 -26.27 19.52 0.21
N ASP C 173 -27.33 20.25 0.52
CA ASP C 173 -27.23 21.45 1.39
C ASP C 173 -27.78 21.21 2.81
N THR C 174 -28.62 20.19 2.96
CA THR C 174 -29.20 19.82 4.26
C THR C 174 -29.24 18.30 4.42
N VAL C 175 -28.59 17.80 5.47
CA VAL C 175 -28.52 16.36 5.73
C VAL C 175 -29.75 15.88 6.52
C1 RJE D . 5.39 6.07 -20.08
N2 RJE D . 5.79 4.72 -19.69
C3 RJE D . 6.25 3.78 -20.59
N4 RJE D . 6.29 4.03 -21.89
C5 RJE D . 6.73 3.14 -22.77
O6 RJE D . 6.72 3.53 -24.08
C7 RJE D . 7.22 2.52 -24.96
C8 RJE D . 8.46 3.08 -25.65
O9 RJE D . 9.62 2.47 -25.11
C10 RJE D . 10.20 1.36 -25.82
N11 RJE D . 7.14 1.93 -22.38
C12 RJE D . 7.13 1.60 -21.10
N13 RJE D . 7.47 0.46 -20.40
C14 RJE D . 7.86 -0.84 -20.96
C15 RJE D . 9.24 -1.05 -21.49
C16 RJE D . 9.80 -0.19 -22.42
C17 RJE D . 11.08 -0.45 -22.91
C18 RJE D . 11.77 -1.56 -22.47
C19 RJE D . 11.20 -2.43 -21.56
C20 RJE D . 9.93 -2.17 -21.06
C21 RJE D . 7.23 0.67 -19.09
O22 RJE D . 7.40 -0.16 -18.21
N23 RJE D . 6.79 1.92 -18.90
C25 RJE D . 6.71 2.53 -20.15
C1 RJE E . 6.69 -9.27 11.46
N2 RJE E . 6.50 -9.52 12.89
C3 RJE E . 5.62 -10.49 13.35
N4 RJE E . 4.90 -11.25 12.51
C5 RJE E . 4.06 -12.17 12.94
O6 RJE E . 3.38 -12.90 12.00
C7 RJE E . 2.50 -13.89 12.56
C8 RJE E . 3.06 -15.30 12.33
O9 RJE E . 3.48 -15.81 13.59
C10 RJE E . 3.45 -17.24 13.77
N11 RJE E . 3.88 -12.40 14.25
C12 RJE E . 4.56 -11.69 15.16
N13 RJE E . 4.57 -11.69 16.53
C14 RJE E . 3.72 -12.49 17.42
C15 RJE E . 4.11 -13.92 17.62
C16 RJE E . 4.42 -14.74 16.54
C17 RJE E . 4.76 -16.07 16.77
C18 RJE E . 4.79 -16.58 18.05
C19 RJE E . 4.48 -15.75 19.13
C20 RJE E . 4.15 -14.43 18.90
C21 RJE E . 5.45 -10.76 16.95
O22 RJE E . 5.68 -10.52 18.12
N23 RJE E . 6.02 -10.15 15.87
C25 RJE E . 5.46 -10.70 14.73
C1 RJE F . -13.61 6.56 8.17
N2 RJE F . -14.68 5.76 7.56
C3 RJE F . -15.41 4.80 8.26
N4 RJE F . -15.39 4.70 9.59
C5 RJE F . -16.10 3.79 10.26
O6 RJE F . -16.00 3.79 11.62
C7 RJE F . -16.88 2.85 12.24
C8 RJE F . -18.08 3.59 12.86
O9 RJE F . -19.27 2.94 12.41
C10 RJE F . -20.52 3.41 12.92
N11 RJE F . -16.86 2.91 9.62
C12 RJE F . -16.95 2.92 8.30
N13 RJE F . -17.62 2.14 7.38
C14 RJE F . -18.44 0.96 7.66
C15 RJE F . -19.81 1.23 8.21
C16 RJE F . -19.98 1.94 9.39
C17 RJE F . -21.26 2.17 9.88
C18 RJE F . -22.36 1.68 9.18
C19 RJE F . -22.18 0.97 8.01
C20 RJE F . -20.91 0.74 7.52
C21 RJE F . -17.33 2.60 6.15
O22 RJE F . -17.77 2.12 5.14
N23 RJE F . -16.50 3.67 6.22
C25 RJE F . -16.22 3.88 7.56
#